data_1Z35
#
_entry.id   1Z35
#
_cell.length_a   136.800
_cell.length_b   136.800
_cell.length_c   136.800
_cell.angle_alpha   90.00
_cell.angle_beta   90.00
_cell.angle_gamma   90.00
#
_symmetry.space_group_name_H-M   'P 41 3 2'
#
loop_
_entity.id
_entity.type
_entity.pdbx_description
1 polymer 'purine nucleoside phosphorylase'
2 non-polymer 2-(6-AMINO-2-FLUORO-PURIN-9-YL)-5-HYDROXYMETHYL-TETRAHYDRO-FURAN-3,4-DIOL
3 water water
#
_entity_poly.entity_id   1
_entity_poly.type   'polypeptide(L)'
_entity_poly.pdbx_seq_one_letter_code
;ATPHNSAQVGDFAETVLMCGDPLRAKLIAETYLENPKLVNNVRGIQGYTGTYKGKPISVMGHGMGLPSICIYAEELYSTY
KVKTIIRVGTCGAIDMDIHTRDIVIFTSAGTNSKINRIRFMDHDYPATASFDVVCALVDAAKELNIPAKVGKGFSTDLFY
NPQTELAQLMNKFHFLAVEMESAGLFPIADLYGARAGCICTVSDHILHHEETTAEERQNSFQNMMKIALEAAIKL
;
_entity_poly.pdbx_strand_id   A
#
loop_
_chem_comp.id
_chem_comp.type
_chem_comp.name
_chem_comp.formula
2FA non-polymer 2-(6-AMINO-2-FLUORO-PURIN-9-YL)-5-HYDROXYMETHYL-TETRAHYDRO-FURAN-3,4-DIOL 'C10 H12 F N5 O4'
#
# COMPACT_ATOMS: atom_id res chain seq x y z
N ALA A 1 18.79 -14.32 -2.29
CA ALA A 1 19.49 -13.10 -2.81
C ALA A 1 19.61 -12.03 -1.72
N THR A 2 18.60 -11.94 -0.86
CA THR A 2 18.62 -10.98 0.25
C THR A 2 18.27 -11.71 1.54
N PRO A 3 18.51 -11.06 2.69
CA PRO A 3 18.20 -11.67 3.98
C PRO A 3 16.72 -12.02 4.17
N HIS A 4 15.84 -11.39 3.40
CA HIS A 4 14.41 -11.63 3.54
C HIS A 4 13.74 -12.12 2.26
N ASN A 5 14.54 -12.40 1.24
CA ASN A 5 14.00 -12.84 -0.05
C ASN A 5 14.93 -13.87 -0.71
N SER A 6 14.42 -15.07 -0.95
CA SER A 6 15.21 -16.14 -1.56
C SER A 6 15.18 -16.08 -3.08
N ALA A 7 14.28 -15.28 -3.63
CA ALA A 7 14.14 -15.16 -5.07
C ALA A 7 15.36 -14.50 -5.70
N GLN A 8 15.49 -14.65 -7.00
CA GLN A 8 16.60 -14.05 -7.71
C GLN A 8 16.09 -12.99 -8.68
N VAL A 9 16.98 -12.07 -9.07
CA VAL A 9 16.63 -11.00 -9.98
C VAL A 9 15.92 -11.57 -11.20
N GLY A 10 14.70 -11.09 -11.44
CA GLY A 10 13.93 -11.57 -12.58
C GLY A 10 12.71 -12.36 -12.15
N ASP A 11 12.72 -12.88 -10.92
CA ASP A 11 11.59 -13.65 -10.42
C ASP A 11 10.39 -12.77 -10.12
N PHE A 12 10.65 -11.50 -9.85
CA PHE A 12 9.59 -10.54 -9.56
C PHE A 12 9.29 -9.68 -10.78
N ALA A 13 8.01 -9.37 -10.99
CA ALA A 13 7.59 -8.52 -12.10
C ALA A 13 8.03 -7.10 -11.74
N GLU A 14 7.99 -6.18 -12.69
CA GLU A 14 8.41 -4.81 -12.39
C GLU A 14 7.33 -4.06 -11.61
N THR A 15 6.18 -4.70 -11.46
CA THR A 15 5.06 -4.12 -10.71
C THR A 15 4.65 -5.11 -9.64
N VAL A 16 4.71 -4.70 -8.38
CA VAL A 16 4.35 -5.58 -7.27
C VAL A 16 3.23 -5.00 -6.40
N LEU A 17 2.23 -5.82 -6.12
CA LEU A 17 1.16 -5.39 -5.24
C LEU A 17 1.52 -5.93 -3.87
N MET A 18 1.36 -5.12 -2.83
CA MET A 18 1.70 -5.57 -1.49
C MET A 18 0.65 -5.22 -0.46
N CYS A 19 0.45 -6.12 0.48
CA CYS A 19 -0.48 -5.95 1.58
C CYS A 19 0.22 -6.51 2.82
N GLY A 20 -0.25 -6.10 3.99
CA GLY A 20 0.37 -6.57 5.23
C GLY A 20 0.21 -8.06 5.49
N ASP A 21 -1.01 -8.55 5.32
CA ASP A 21 -1.33 -9.96 5.56
C ASP A 21 -0.83 -10.89 4.45
N PRO A 22 0.12 -11.79 4.78
CA PRO A 22 0.70 -12.75 3.84
C PRO A 22 -0.35 -13.74 3.29
N LEU A 23 -1.38 -13.98 4.09
CA LEU A 23 -2.44 -14.88 3.67
C LEU A 23 -3.34 -14.18 2.67
N ARG A 24 -3.41 -12.86 2.78
CA ARG A 24 -4.22 -12.08 1.86
C ARG A 24 -3.49 -12.05 0.51
N ALA A 25 -2.17 -11.99 0.55
CA ALA A 25 -1.36 -11.96 -0.67
C ALA A 25 -1.47 -13.31 -1.37
N LYS A 26 -1.59 -14.37 -0.59
CA LYS A 26 -1.72 -15.71 -1.14
C LYS A 26 -3.09 -15.80 -1.81
N LEU A 27 -4.10 -15.31 -1.11
CA LEU A 27 -5.47 -15.29 -1.62
C LEU A 27 -5.54 -14.50 -2.92
N ILE A 28 -4.94 -13.31 -2.91
CA ILE A 28 -4.92 -12.44 -4.08
C ILE A 28 -4.27 -13.14 -5.28
N ALA A 29 -3.17 -13.83 -5.04
CA ALA A 29 -2.44 -14.54 -6.09
C ALA A 29 -3.24 -15.69 -6.69
N GLU A 30 -4.00 -16.39 -5.85
CA GLU A 30 -4.79 -17.52 -6.30
C GLU A 30 -6.10 -17.08 -6.94
N THR A 31 -6.59 -15.91 -6.53
CA THR A 31 -7.85 -15.39 -7.03
C THR A 31 -7.77 -14.51 -8.28
N TYR A 32 -6.75 -13.68 -8.37
CA TYR A 32 -6.63 -12.78 -9.52
C TYR A 32 -5.51 -13.03 -10.52
N LEU A 33 -4.49 -13.79 -10.13
CA LEU A 33 -3.38 -14.05 -11.05
C LEU A 33 -3.48 -15.40 -11.74
N GLU A 34 -2.94 -15.46 -12.96
CA GLU A 34 -2.94 -16.69 -13.73
C GLU A 34 -1.59 -17.35 -13.62
N ASN A 35 -1.59 -18.63 -13.26
CA ASN A 35 -0.35 -19.38 -13.12
C ASN A 35 0.57 -18.77 -12.08
N PRO A 36 0.03 -18.43 -10.90
CA PRO A 36 0.86 -17.84 -9.84
C PRO A 36 1.91 -18.81 -9.33
N LYS A 37 3.16 -18.35 -9.29
CA LYS A 37 4.27 -19.17 -8.83
C LYS A 37 4.91 -18.55 -7.58
N LEU A 38 5.05 -19.35 -6.53
CA LEU A 38 5.67 -18.88 -5.29
C LEU A 38 7.13 -18.60 -5.55
N VAL A 39 7.53 -17.33 -5.52
CA VAL A 39 8.92 -16.96 -5.78
C VAL A 39 9.72 -16.64 -4.50
N ASN A 40 9.02 -16.44 -3.40
CA ASN A 40 9.67 -16.12 -2.13
C ASN A 40 8.75 -16.40 -0.95
N ASN A 41 9.26 -17.17 0.02
CA ASN A 41 8.45 -17.44 1.20
C ASN A 41 9.27 -17.36 2.47
N VAL A 42 10.36 -16.59 2.42
CA VAL A 42 11.18 -16.41 3.61
C VAL A 42 10.26 -15.71 4.62
N ARG A 43 10.23 -16.22 5.85
CA ARG A 43 9.38 -15.64 6.89
C ARG A 43 7.91 -15.73 6.50
N GLY A 44 7.58 -16.72 5.67
CA GLY A 44 6.22 -16.94 5.21
C GLY A 44 5.58 -15.72 4.57
N ILE A 45 6.40 -14.85 3.97
CA ILE A 45 5.92 -13.62 3.35
C ILE A 45 5.01 -13.79 2.13
N GLN A 46 4.92 -15.01 1.61
CA GLN A 46 4.07 -15.33 0.47
C GLN A 46 4.27 -14.46 -0.78
N GLY A 47 5.49 -14.47 -1.32
CA GLY A 47 5.76 -13.69 -2.52
C GLY A 47 5.49 -14.50 -3.77
N TYR A 48 4.52 -14.06 -4.57
CA TYR A 48 4.18 -14.76 -5.80
C TYR A 48 4.39 -13.91 -7.05
N THR A 49 4.46 -14.59 -8.19
CA THR A 49 4.60 -13.92 -9.47
C THR A 49 3.77 -14.70 -10.49
N GLY A 50 2.83 -14.01 -11.11
CA GLY A 50 1.98 -14.61 -12.11
C GLY A 50 1.70 -13.59 -13.18
N THR A 51 0.53 -13.67 -13.81
CA THR A 51 0.18 -12.70 -14.84
C THR A 51 -1.28 -12.26 -14.72
N TYR A 52 -1.53 -11.04 -15.16
CA TYR A 52 -2.88 -10.48 -15.16
C TYR A 52 -3.04 -9.88 -16.55
N LYS A 53 -3.99 -10.42 -17.30
CA LYS A 53 -4.24 -9.97 -18.66
C LYS A 53 -2.96 -10.07 -19.46
N GLY A 54 -2.23 -11.16 -19.23
CA GLY A 54 -0.98 -11.43 -19.94
C GLY A 54 0.26 -10.71 -19.44
N LYS A 55 0.11 -9.73 -18.57
CA LYS A 55 1.28 -9.01 -18.08
C LYS A 55 1.79 -9.54 -16.74
N PRO A 56 3.13 -9.60 -16.60
CA PRO A 56 3.75 -10.10 -15.36
C PRO A 56 3.37 -9.20 -14.19
N ILE A 57 3.06 -9.82 -13.07
CA ILE A 57 2.69 -9.09 -11.88
C ILE A 57 2.94 -9.94 -10.65
N SER A 58 3.57 -9.33 -9.65
CA SER A 58 3.87 -10.04 -8.42
C SER A 58 3.04 -9.50 -7.26
N VAL A 59 2.81 -10.34 -6.26
CA VAL A 59 2.08 -9.97 -5.08
C VAL A 59 2.84 -10.58 -3.90
N MET A 60 3.03 -9.78 -2.85
CA MET A 60 3.76 -10.25 -1.69
C MET A 60 3.35 -9.49 -0.43
N GLY A 61 3.49 -10.13 0.72
CA GLY A 61 3.14 -9.47 1.96
C GLY A 61 4.26 -8.52 2.35
N HIS A 62 4.00 -7.60 3.27
CA HIS A 62 5.04 -6.67 3.71
C HIS A 62 5.02 -6.45 5.22
N GLY A 63 4.24 -7.24 5.95
CA GLY A 63 4.16 -7.10 7.39
C GLY A 63 3.50 -5.81 7.83
N MET A 64 3.49 -5.54 9.13
CA MET A 64 2.87 -4.33 9.65
C MET A 64 3.91 -3.33 10.16
N GLY A 65 3.75 -2.06 9.78
CA GLY A 65 4.67 -1.03 10.22
C GLY A 65 5.70 -0.55 9.21
N LEU A 66 6.10 0.72 9.33
CA LEU A 66 7.08 1.30 8.42
C LEU A 66 8.41 0.53 8.34
N PRO A 67 8.94 0.09 9.49
CA PRO A 67 10.22 -0.63 9.44
C PRO A 67 10.13 -1.91 8.60
N SER A 68 8.99 -2.59 8.66
CA SER A 68 8.82 -3.83 7.91
C SER A 68 8.76 -3.58 6.40
N ILE A 69 7.83 -2.74 5.97
CA ILE A 69 7.69 -2.45 4.56
C ILE A 69 8.95 -1.77 4.01
N CYS A 70 9.67 -1.06 4.86
CA CYS A 70 10.90 -0.38 4.41
C CYS A 70 11.94 -1.42 4.00
N ILE A 71 11.94 -2.56 4.68
CA ILE A 71 12.88 -3.62 4.37
C ILE A 71 12.53 -4.24 3.01
N TYR A 72 11.28 -4.66 2.86
CA TYR A 72 10.82 -5.28 1.63
C TYR A 72 10.87 -4.37 0.41
N ALA A 73 10.40 -3.13 0.56
CA ALA A 73 10.39 -2.19 -0.56
C ALA A 73 11.80 -1.85 -1.06
N GLU A 74 12.71 -1.52 -0.16
CA GLU A 74 14.06 -1.18 -0.58
C GLU A 74 14.77 -2.34 -1.29
N GLU A 75 14.52 -3.57 -0.85
CA GLU A 75 15.15 -4.72 -1.50
C GLU A 75 14.57 -4.96 -2.89
N LEU A 76 13.26 -4.72 -3.04
CA LEU A 76 12.59 -4.90 -4.32
C LEU A 76 13.08 -3.91 -5.38
N TYR A 77 13.22 -2.65 -4.99
CA TYR A 77 13.69 -1.64 -5.95
C TYR A 77 15.17 -1.84 -6.24
N SER A 78 15.96 -2.00 -5.20
CA SER A 78 17.40 -2.15 -5.32
C SER A 78 17.91 -3.45 -5.93
N THR A 79 17.47 -4.59 -5.40
CA THR A 79 17.93 -5.87 -5.90
C THR A 79 17.13 -6.50 -7.03
N TYR A 80 15.82 -6.50 -6.90
CA TYR A 80 14.99 -7.12 -7.91
C TYR A 80 14.55 -6.19 -9.03
N LYS A 81 15.09 -4.98 -9.02
CA LYS A 81 14.81 -3.97 -10.05
C LYS A 81 13.33 -3.72 -10.30
N VAL A 82 12.53 -3.79 -9.24
CA VAL A 82 11.10 -3.53 -9.35
C VAL A 82 10.95 -2.04 -9.66
N LYS A 83 9.91 -1.69 -10.41
CA LYS A 83 9.67 -0.30 -10.79
C LYS A 83 8.49 0.34 -10.07
N THR A 84 7.44 -0.44 -9.86
CA THR A 84 6.24 0.06 -9.23
C THR A 84 5.72 -0.83 -8.11
N ILE A 85 5.42 -0.22 -6.98
CA ILE A 85 4.87 -0.95 -5.84
C ILE A 85 3.57 -0.28 -5.44
N ILE A 86 2.48 -1.04 -5.53
CA ILE A 86 1.19 -0.50 -5.13
C ILE A 86 0.74 -1.20 -3.87
N ARG A 87 0.61 -0.45 -2.79
CA ARG A 87 0.17 -1.00 -1.53
C ARG A 87 -1.36 -1.10 -1.56
N VAL A 88 -1.86 -2.29 -1.27
CA VAL A 88 -3.29 -2.53 -1.26
C VAL A 88 -3.63 -3.11 0.11
N GLY A 89 -4.72 -2.66 0.71
CA GLY A 89 -5.07 -3.19 2.02
C GLY A 89 -6.24 -2.53 2.70
N THR A 90 -6.28 -2.66 4.03
CA THR A 90 -7.34 -2.08 4.83
C THR A 90 -6.79 -0.91 5.64
N CYS A 91 -7.68 -0.10 6.19
CA CYS A 91 -7.28 1.06 6.97
C CYS A 91 -8.42 1.51 7.88
N GLY A 92 -8.08 2.38 8.84
CA GLY A 92 -9.09 2.89 9.74
C GLY A 92 -9.47 4.31 9.35
N ALA A 93 -10.76 4.59 9.26
CA ALA A 93 -11.23 5.92 8.89
C ALA A 93 -10.99 6.93 9.99
N ILE A 94 -10.67 8.16 9.60
CA ILE A 94 -10.45 9.25 10.54
C ILE A 94 -11.53 10.29 10.33
N ASP A 95 -11.58 10.84 9.13
CA ASP A 95 -12.55 11.86 8.74
C ASP A 95 -13.99 11.39 8.98
N MET A 96 -14.79 12.25 9.61
CA MET A 96 -16.19 11.94 9.90
C MET A 96 -17.03 11.70 8.65
N ASP A 97 -16.54 12.19 7.51
CA ASP A 97 -17.27 12.01 6.25
C ASP A 97 -16.81 10.76 5.51
N ILE A 98 -15.87 10.04 6.11
CA ILE A 98 -15.36 8.81 5.54
C ILE A 98 -16.05 7.69 6.33
N HIS A 99 -16.62 6.73 5.62
CA HIS A 99 -17.33 5.63 6.27
C HIS A 99 -16.70 4.27 6.00
N THR A 100 -17.03 3.31 6.85
CA THR A 100 -16.53 1.96 6.71
C THR A 100 -16.93 1.42 5.33
N ARG A 101 -16.02 0.71 4.69
CA ARG A 101 -16.23 0.13 3.36
C ARG A 101 -15.88 1.10 2.23
N ASP A 102 -15.56 2.34 2.61
CA ASP A 102 -15.17 3.34 1.62
C ASP A 102 -13.78 2.97 1.11
N ILE A 103 -13.49 3.32 -0.15
CA ILE A 103 -12.19 3.05 -0.74
C ILE A 103 -11.41 4.36 -0.78
N VAL A 104 -10.18 4.33 -0.29
CA VAL A 104 -9.35 5.53 -0.24
C VAL A 104 -8.05 5.40 -1.02
N ILE A 105 -7.74 6.43 -1.78
CA ILE A 105 -6.52 6.49 -2.58
C ILE A 105 -5.66 7.60 -1.98
N PHE A 106 -4.51 7.21 -1.43
CA PHE A 106 -3.60 8.17 -0.79
C PHE A 106 -2.81 9.06 -1.73
N THR A 107 -2.88 10.37 -1.48
CA THR A 107 -2.12 11.33 -2.26
C THR A 107 -0.76 11.37 -1.57
N SER A 108 -0.79 11.15 -0.27
CA SER A 108 0.40 11.18 0.57
C SER A 108 0.04 10.62 1.94
N ALA A 109 1.03 10.49 2.81
CA ALA A 109 0.79 9.97 4.15
C ALA A 109 1.63 10.68 5.21
N GLY A 110 0.98 11.07 6.31
CA GLY A 110 1.68 11.71 7.40
C GLY A 110 2.12 10.57 8.29
N THR A 111 2.95 10.84 9.29
CA THR A 111 3.40 9.78 10.18
C THR A 111 3.93 10.31 11.50
N ASN A 112 3.90 9.47 12.53
CA ASN A 112 4.43 9.86 13.83
C ASN A 112 5.73 9.08 14.05
N SER A 113 6.24 8.51 12.96
CA SER A 113 7.48 7.75 12.95
C SER A 113 8.65 8.73 12.80
N LYS A 114 9.86 8.28 13.14
CA LYS A 114 11.03 9.14 13.03
C LYS A 114 11.86 8.82 11.78
N ILE A 115 11.49 7.75 11.07
CA ILE A 115 12.23 7.33 9.89
C ILE A 115 12.50 8.38 8.83
N ASN A 116 11.50 9.15 8.44
CA ASN A 116 11.70 10.16 7.41
C ASN A 116 12.58 11.32 7.89
N ARG A 117 12.50 11.63 9.18
CA ARG A 117 13.33 12.71 9.73
C ARG A 117 14.80 12.23 9.72
N ILE A 118 14.99 10.93 9.91
CA ILE A 118 16.34 10.37 9.91
C ILE A 118 16.93 10.41 8.50
N ARG A 119 16.09 10.23 7.49
CA ARG A 119 16.54 10.23 6.10
C ARG A 119 16.63 11.63 5.55
N PHE A 120 15.88 12.56 6.15
CA PHE A 120 15.82 13.93 5.67
C PHE A 120 16.40 15.01 6.57
N MET A 121 17.54 14.73 7.18
CA MET A 121 18.21 15.69 8.07
C MET A 121 17.29 16.36 9.09
N ASP A 122 16.42 15.56 9.70
CA ASP A 122 15.49 16.06 10.71
C ASP A 122 14.49 17.12 10.22
N HIS A 123 14.23 17.17 8.91
CA HIS A 123 13.25 18.13 8.39
C HIS A 123 11.95 17.42 8.03
N ASP A 124 10.99 18.16 7.48
CA ASP A 124 9.71 17.59 7.09
C ASP A 124 9.76 17.05 5.66
N TYR A 125 9.72 15.74 5.52
CA TYR A 125 9.71 15.10 4.21
C TYR A 125 8.27 14.74 3.93
N PRO A 126 7.71 15.22 2.80
CA PRO A 126 6.32 14.88 2.49
C PRO A 126 6.23 13.52 1.82
N ALA A 127 5.87 12.49 2.59
CA ALA A 127 5.74 11.15 2.03
C ALA A 127 4.60 11.24 1.02
N THR A 128 4.98 11.38 -0.24
CA THR A 128 4.02 11.56 -1.32
C THR A 128 3.94 10.38 -2.29
N ALA A 129 2.73 9.96 -2.60
CA ALA A 129 2.53 8.86 -3.52
C ALA A 129 2.98 9.35 -4.90
N SER A 130 3.57 8.48 -5.71
CA SER A 130 4.02 8.87 -7.04
C SER A 130 2.80 9.37 -7.83
N PHE A 131 2.92 10.56 -8.43
CA PHE A 131 1.81 11.11 -9.19
C PHE A 131 1.28 10.19 -10.29
N ASP A 132 2.16 9.42 -10.93
CA ASP A 132 1.74 8.49 -11.98
C ASP A 132 0.82 7.43 -11.41
N VAL A 133 1.20 6.91 -10.25
CA VAL A 133 0.42 5.87 -9.58
C VAL A 133 -0.90 6.43 -9.06
N VAL A 134 -0.88 7.62 -8.48
CA VAL A 134 -2.12 8.22 -7.98
C VAL A 134 -3.07 8.39 -9.17
N CYS A 135 -2.55 8.87 -10.29
CA CYS A 135 -3.35 9.05 -11.49
C CYS A 135 -3.87 7.73 -12.04
N ALA A 136 -3.02 6.72 -12.09
CA ALA A 136 -3.43 5.40 -12.60
C ALA A 136 -4.55 4.82 -11.75
N LEU A 137 -4.45 5.00 -10.43
CA LEU A 137 -5.47 4.49 -9.52
C LEU A 137 -6.78 5.23 -9.66
N VAL A 138 -6.70 6.55 -9.79
CA VAL A 138 -7.90 7.38 -9.92
C VAL A 138 -8.57 7.17 -11.28
N ASP A 139 -7.79 7.07 -12.36
CA ASP A 139 -8.38 6.84 -13.68
C ASP A 139 -9.05 5.48 -13.71
N ALA A 140 -8.41 4.49 -13.11
CA ALA A 140 -8.97 3.13 -13.07
C ALA A 140 -10.31 3.20 -12.35
N ALA A 141 -10.33 3.91 -11.23
CA ALA A 141 -11.55 4.08 -10.43
C ALA A 141 -12.64 4.78 -11.25
N LYS A 142 -12.25 5.78 -12.03
CA LYS A 142 -13.20 6.50 -12.86
C LYS A 142 -13.71 5.62 -14.00
N GLU A 143 -12.81 4.88 -14.64
CA GLU A 143 -13.19 4.00 -15.74
C GLU A 143 -14.06 2.85 -15.25
N LEU A 144 -13.78 2.34 -14.05
CA LEU A 144 -14.58 1.26 -13.49
C LEU A 144 -15.79 1.88 -12.81
N ASN A 145 -15.79 3.21 -12.73
CA ASN A 145 -16.85 3.98 -12.11
C ASN A 145 -17.13 3.49 -10.68
N ILE A 146 -16.05 3.35 -9.93
CA ILE A 146 -16.12 2.91 -8.54
C ILE A 146 -15.76 4.11 -7.66
N PRO A 147 -16.71 4.57 -6.84
CA PRO A 147 -16.49 5.72 -5.95
C PRO A 147 -15.26 5.52 -5.07
N ALA A 148 -14.38 6.49 -5.06
CA ALA A 148 -13.17 6.40 -4.26
C ALA A 148 -12.80 7.79 -3.77
N LYS A 149 -12.31 7.88 -2.54
CA LYS A 149 -11.91 9.16 -2.00
C LYS A 149 -10.40 9.30 -2.10
N VAL A 150 -9.96 10.45 -2.59
CA VAL A 150 -8.53 10.72 -2.76
C VAL A 150 -8.08 11.75 -1.73
N GLY A 151 -7.03 11.42 -0.99
CA GLY A 151 -6.54 12.36 0.01
C GLY A 151 -5.44 11.80 0.88
N LYS A 152 -5.12 12.54 1.93
CA LYS A 152 -4.06 12.18 2.88
C LYS A 152 -4.38 11.01 3.77
N GLY A 153 -3.35 10.21 4.03
CA GLY A 153 -3.49 9.09 4.93
C GLY A 153 -2.50 9.35 6.05
N PHE A 154 -2.52 8.52 7.07
CA PHE A 154 -1.59 8.66 8.18
C PHE A 154 -1.06 7.27 8.51
N SER A 155 0.26 7.16 8.58
CA SER A 155 0.92 5.90 8.88
C SER A 155 1.41 6.00 10.31
N THR A 156 0.73 5.33 11.22
CA THR A 156 1.10 5.38 12.62
C THR A 156 2.04 4.25 13.01
N ASP A 157 2.87 4.52 14.01
CA ASP A 157 3.80 3.53 14.54
C ASP A 157 3.08 2.83 15.69
N LEU A 158 2.00 3.46 16.15
CA LEU A 158 1.23 2.93 17.28
C LEU A 158 -0.23 2.64 16.96
N PHE A 159 -0.54 1.37 16.66
CA PHE A 159 -1.91 0.97 16.38
C PHE A 159 -2.74 1.36 17.62
N TYR A 160 -2.20 1.10 18.80
CA TYR A 160 -2.86 1.47 20.05
C TYR A 160 -2.20 2.79 20.49
N ASN A 161 -2.69 3.89 19.93
CA ASN A 161 -2.13 5.21 20.20
C ASN A 161 -2.46 5.81 21.57
N PRO A 162 -1.43 6.15 22.36
CA PRO A 162 -1.60 6.73 23.70
C PRO A 162 -2.13 8.17 23.57
N GLN A 163 -1.76 8.84 22.48
CA GLN A 163 -2.18 10.21 22.22
C GLN A 163 -3.57 10.22 21.61
N THR A 164 -4.58 10.08 22.47
CA THR A 164 -5.97 10.02 22.03
C THR A 164 -6.52 11.28 21.36
N GLU A 165 -5.83 12.42 21.51
CA GLU A 165 -6.29 13.65 20.88
C GLU A 165 -5.90 13.73 19.41
N LEU A 166 -4.90 12.93 19.02
CA LEU A 166 -4.44 12.95 17.63
C LEU A 166 -5.55 12.65 16.63
N ALA A 167 -6.41 11.70 16.97
CA ALA A 167 -7.52 11.31 16.11
C ALA A 167 -8.38 12.49 15.69
N GLN A 168 -8.82 13.30 16.65
CA GLN A 168 -9.63 14.46 16.33
C GLN A 168 -8.83 15.54 15.62
N LEU A 169 -7.53 15.63 15.92
CA LEU A 169 -6.69 16.62 15.26
C LEU A 169 -6.65 16.30 13.76
N MET A 170 -6.46 15.03 13.44
CA MET A 170 -6.40 14.60 12.05
C MET A 170 -7.76 14.76 11.36
N ASN A 171 -8.82 14.67 12.13
CA ASN A 171 -10.16 14.84 11.57
C ASN A 171 -10.32 16.30 11.16
N LYS A 172 -9.81 17.21 11.99
CA LYS A 172 -9.88 18.64 11.69
C LYS A 172 -9.12 18.97 10.41
N PHE A 173 -8.01 18.27 10.18
CA PHE A 173 -7.20 18.51 8.99
C PHE A 173 -7.62 17.64 7.84
N HIS A 174 -8.65 16.85 8.06
CA HIS A 174 -9.22 15.98 7.07
C HIS A 174 -8.35 14.83 6.54
N PHE A 175 -7.62 14.18 7.42
CA PHE A 175 -6.86 13.01 6.99
C PHE A 175 -7.96 12.00 6.78
N LEU A 176 -7.87 11.22 5.71
CA LEU A 176 -8.89 10.25 5.37
C LEU A 176 -8.87 8.98 6.22
N ALA A 177 -7.72 8.34 6.30
CA ALA A 177 -7.63 7.09 7.06
C ALA A 177 -6.23 6.85 7.65
N VAL A 178 -6.14 5.78 8.44
CA VAL A 178 -4.89 5.40 9.09
C VAL A 178 -4.47 3.98 8.74
N GLU A 179 -3.18 3.83 8.46
CA GLU A 179 -2.61 2.51 8.19
C GLU A 179 -1.20 2.56 8.78
N MET A 180 -0.31 1.68 8.34
CA MET A 180 1.02 1.66 8.95
C MET A 180 2.22 1.45 8.02
N GLU A 181 2.12 1.85 6.76
CA GLU A 181 3.24 1.61 5.86
C GLU A 181 3.53 2.69 4.80
N SER A 182 2.46 3.26 4.23
CA SER A 182 2.61 4.26 3.19
C SER A 182 3.71 5.32 3.40
N ALA A 183 3.72 5.96 4.56
CA ALA A 183 4.72 6.99 4.82
C ALA A 183 6.15 6.47 4.70
N GLY A 184 6.33 5.16 4.86
CA GLY A 184 7.66 4.59 4.73
C GLY A 184 7.97 4.21 3.30
N LEU A 185 6.96 3.67 2.61
CA LEU A 185 7.08 3.23 1.22
C LEU A 185 7.46 4.37 0.25
N PHE A 186 6.67 5.43 0.28
CA PHE A 186 6.85 6.57 -0.61
C PHE A 186 8.26 7.16 -0.72
N PRO A 187 8.89 7.51 0.42
CA PRO A 187 10.24 8.08 0.29
C PRO A 187 11.28 7.12 -0.30
N ILE A 188 11.13 5.82 -0.05
CA ILE A 188 12.06 4.83 -0.61
C ILE A 188 11.96 4.77 -2.13
N ALA A 189 10.73 4.89 -2.66
CA ALA A 189 10.53 4.87 -4.09
C ALA A 189 11.24 6.07 -4.72
N ASP A 190 11.13 7.23 -4.06
CA ASP A 190 11.76 8.45 -4.55
C ASP A 190 13.27 8.27 -4.66
N LEU A 191 13.87 7.73 -3.60
CA LEU A 191 15.32 7.51 -3.57
C LEU A 191 15.82 6.63 -4.72
N TYR A 192 15.01 5.64 -5.12
CA TYR A 192 15.39 4.73 -6.19
C TYR A 192 14.84 5.15 -7.55
N GLY A 193 14.31 6.37 -7.62
CA GLY A 193 13.76 6.85 -8.88
C GLY A 193 12.65 5.96 -9.39
N ALA A 194 12.06 5.18 -8.47
CA ALA A 194 10.98 4.27 -8.81
C ALA A 194 9.63 4.88 -8.43
N ARG A 195 8.57 4.06 -8.44
CA ARG A 195 7.23 4.54 -8.11
C ARG A 195 6.49 3.74 -7.05
N ALA A 196 5.59 4.41 -6.34
CA ALA A 196 4.80 3.77 -5.30
C ALA A 196 3.46 4.49 -5.11
N GLY A 197 2.48 3.74 -4.60
CA GLY A 197 1.17 4.30 -4.36
C GLY A 197 0.44 3.42 -3.37
N CYS A 198 -0.72 3.88 -2.92
CA CYS A 198 -1.49 3.11 -1.96
C CYS A 198 -2.99 3.33 -2.08
N ILE A 199 -3.73 2.24 -1.91
CA ILE A 199 -5.18 2.27 -1.97
C ILE A 199 -5.68 1.32 -0.88
N CYS A 200 -6.65 1.78 -0.10
CA CYS A 200 -7.17 0.96 0.98
C CYS A 200 -8.68 0.99 1.10
N THR A 201 -9.22 -0.07 1.68
CA THR A 201 -10.65 -0.16 1.91
C THR A 201 -10.79 0.03 3.42
N VAL A 202 -11.62 0.99 3.82
CA VAL A 202 -11.85 1.26 5.24
C VAL A 202 -12.59 0.09 5.88
N SER A 203 -11.95 -0.56 6.84
CA SER A 203 -12.55 -1.69 7.53
C SER A 203 -13.12 -1.31 8.89
N ASP A 204 -12.92 -0.07 9.29
CA ASP A 204 -13.40 0.39 10.60
C ASP A 204 -13.21 1.89 10.76
N HIS A 205 -14.00 2.51 11.63
CA HIS A 205 -13.87 3.95 11.87
C HIS A 205 -13.39 4.14 13.31
N ILE A 206 -12.35 4.96 13.49
CA ILE A 206 -11.80 5.18 14.81
C ILE A 206 -12.49 6.24 15.66
N LEU A 207 -13.38 7.03 15.04
CA LEU A 207 -14.07 8.06 15.79
C LEU A 207 -15.49 7.70 16.24
N HIS A 208 -16.02 6.59 15.72
CA HIS A 208 -17.36 6.14 16.10
C HIS A 208 -17.71 4.76 15.56
N HIS A 209 -18.81 4.20 16.05
CA HIS A 209 -19.27 2.88 15.66
C HIS A 209 -20.26 2.90 14.49
N GLU A 210 -19.97 2.14 13.45
CA GLU A 210 -20.85 2.06 12.29
C GLU A 210 -21.33 0.63 12.06
N GLU A 216 -20.53 -7.80 2.51
CA GLU A 216 -20.54 -6.34 2.49
C GLU A 216 -19.12 -5.76 2.43
N ARG A 217 -18.24 -6.32 3.26
CA ARG A 217 -16.85 -5.88 3.30
C ARG A 217 -16.07 -6.50 2.15
N GLN A 218 -16.65 -7.53 1.53
CA GLN A 218 -16.02 -8.21 0.41
C GLN A 218 -16.09 -7.40 -0.87
N ASN A 219 -17.29 -6.93 -1.20
CA ASN A 219 -17.48 -6.13 -2.40
C ASN A 219 -16.48 -4.98 -2.44
N SER A 220 -16.35 -4.30 -1.31
CA SER A 220 -15.44 -3.18 -1.20
C SER A 220 -14.00 -3.62 -1.45
N PHE A 221 -13.63 -4.77 -0.91
CA PHE A 221 -12.29 -5.29 -1.07
C PHE A 221 -12.02 -5.73 -2.52
N GLN A 222 -13.03 -6.32 -3.16
CA GLN A 222 -12.90 -6.76 -4.53
C GLN A 222 -12.81 -5.57 -5.47
N ASN A 223 -13.58 -4.53 -5.19
CA ASN A 223 -13.57 -3.33 -6.01
C ASN A 223 -12.20 -2.66 -5.92
N MET A 224 -11.63 -2.66 -4.71
CA MET A 224 -10.32 -2.06 -4.50
C MET A 224 -9.27 -2.83 -5.29
N MET A 225 -9.40 -4.17 -5.31
CA MET A 225 -8.46 -4.99 -6.06
C MET A 225 -8.58 -4.74 -7.56
N LYS A 226 -9.80 -4.52 -8.05
CA LYS A 226 -10.01 -4.25 -9.46
C LYS A 226 -9.26 -2.97 -9.82
N ILE A 227 -9.41 -1.95 -8.99
CA ILE A 227 -8.75 -0.68 -9.23
C ILE A 227 -7.23 -0.82 -9.27
N ALA A 228 -6.66 -1.50 -8.27
CA ALA A 228 -5.21 -1.70 -8.20
C ALA A 228 -4.70 -2.48 -9.42
N LEU A 229 -5.36 -3.58 -9.73
CA LEU A 229 -4.97 -4.41 -10.86
C LEU A 229 -5.02 -3.65 -12.19
N GLU A 230 -6.14 -2.99 -12.46
CA GLU A 230 -6.26 -2.25 -13.70
C GLU A 230 -5.21 -1.15 -13.77
N ALA A 231 -5.03 -0.41 -12.67
CA ALA A 231 -4.04 0.66 -12.62
C ALA A 231 -2.65 0.09 -12.89
N ALA A 232 -2.39 -1.11 -12.37
CA ALA A 232 -1.11 -1.77 -12.57
C ALA A 232 -0.85 -1.96 -14.06
N ILE A 233 -1.89 -2.35 -14.80
CA ILE A 233 -1.77 -2.54 -16.23
C ILE A 233 -1.49 -1.21 -16.92
N LYS A 234 -2.23 -0.17 -16.51
CA LYS A 234 -2.06 1.16 -17.10
C LYS A 234 -0.65 1.72 -16.91
N LEU A 235 0.05 1.25 -15.88
CA LEU A 235 1.40 1.74 -15.59
C LEU A 235 2.51 1.00 -16.31
O5' 2FA B . -3.83 -3.80 12.02
C5' 2FA B . -2.81 -2.92 11.50
C4' 2FA B . -2.40 -3.29 10.07
O4' 2FA B . -3.50 -3.29 9.11
C1' 2FA B . -3.63 -2.01 8.48
N9 2FA B . -4.79 -1.34 9.20
C4 2FA B . -4.84 -0.35 10.20
N3 2FA B . -3.78 0.32 10.82
C2 2FA B . -4.18 1.22 11.76
F 2FA B . -3.27 1.90 12.41
N1 2FA B . -5.47 1.49 12.11
C6 2FA B . -6.49 0.81 11.48
N6 2FA B . -7.73 1.08 11.82
C5 2FA B . -6.19 -0.15 10.47
N7 2FA B . -6.97 -0.96 9.68
C8 2FA B . -6.09 -1.62 8.97
C2' 2FA B . -2.21 -1.33 8.62
O2' 2FA B . -1.62 -0.91 7.34
C3' 2FA B . -1.34 -2.37 9.43
O3' 2FA B . -0.53 -3.16 8.58
#